data_1Z71
#
_entry.id   1Z71
#
_cell.length_a   69.97
_cell.length_b   71.49
_cell.length_c   72.26
_cell.angle_alpha   90.
_cell.angle_beta   100.5
_cell.angle_gamma   90.
#
_symmetry.space_group_name_H-M   'C 1 2 1'
#
loop_
_entity.id
_entity.type
_entity.pdbx_description
1 polymer thrombin
2 polymer "Hirudin IIIB'"
3 non-polymer L17
4 water water
#
loop_
_entity_poly.entity_id
_entity_poly.type
_entity_poly.pdbx_seq_one_letter_code
_entity_poly.pdbx_strand_id
1 'polypeptide(L)'
;DCGLRPLFEKKSLEDKTERELLESYIDGRIVEGSDAEIGMSPWQVMLFRKSPQELLCGASLISDRWVLTAAHCLLYPPWD
KNFTENDLLVRIGKHSRTRYERNIEKISMLEKIYIHPRYNWRENLDRDIALMKLKKPVAFSDYIHPVCLPDRETAASLLQ
AGYKGRVTGWGNLKETWTANVGKGQPSVLQVVNLPIVERPVCKDSTRIRITDNMFCAGYKPDEGKRGDACEGDSGGPFVM
KSPFNNRWYQMGIVSWGEGCDRDGKYGFYTHVFRLKKWIQKVIDQFG
;
A
2 'polypeptide(L)' DFEEIPEE(TYS)LA B
#
loop_
_chem_comp.id
_chem_comp.type
_chem_comp.name
_chem_comp.formula
L17 non-polymer L17 'C22 H20 Cl2 F2 N4 O3'
#
# COMPACT_ATOMS: atom_id res chain seq x y z
N ASP A 1 -1.75 -9.06 -17.37
CA ASP A 1 -1.92 -7.60 -17.66
C ASP A 1 -1.66 -6.72 -16.43
N CYS A 2 -1.24 -7.33 -15.34
CA CYS A 2 -0.98 -6.60 -14.10
C CYS A 2 0.07 -5.50 -14.27
N GLY A 3 -0.03 -4.47 -13.44
CA GLY A 3 0.93 -3.39 -13.46
C GLY A 3 1.01 -2.48 -14.65
N LEU A 4 0.06 -2.57 -15.58
CA LEU A 4 0.03 -1.70 -16.74
C LEU A 4 -1.21 -0.84 -16.53
N ARG A 5 -1.00 0.45 -16.28
CA ARG A 5 -2.10 1.36 -16.03
C ARG A 5 -2.79 1.83 -17.29
N PRO A 6 -4.12 1.72 -17.33
CA PRO A 6 -4.93 2.12 -18.47
C PRO A 6 -4.67 3.55 -18.96
N LEU A 7 -4.51 4.47 -18.01
CA LEU A 7 -4.28 5.87 -18.37
C LEU A 7 -2.82 6.29 -18.57
N PHE A 8 -1.90 5.34 -18.43
CA PHE A 8 -0.50 5.65 -18.62
C PHE A 8 0.19 4.61 -19.52
N GLU A 9 0.69 3.50 -18.97
CA GLU A 9 1.36 2.50 -19.80
C GLU A 9 0.56 2.04 -21.03
N LYS A 10 -0.73 1.81 -20.85
CA LYS A 10 -1.59 1.36 -21.94
C LYS A 10 -1.70 2.35 -23.10
N LYS A 11 -1.51 3.64 -22.82
CA LYS A 11 -1.58 4.69 -23.83
C LYS A 11 -0.20 5.29 -24.11
N SER A 12 0.83 4.69 -23.52
CA SER A 12 2.21 5.15 -23.66
C SER A 12 2.36 6.60 -23.20
N LEU A 13 1.80 6.88 -22.03
CA LEU A 13 1.89 8.19 -21.41
C LEU A 13 2.57 7.94 -20.06
N GLU A 14 3.41 8.88 -19.64
CA GLU A 14 4.10 8.73 -18.36
C GLU A 14 3.52 9.70 -17.35
N ASP A 15 3.56 9.34 -16.07
CA ASP A 15 3.07 10.25 -15.05
C ASP A 15 4.24 11.22 -14.77
N LYS A 16 4.01 12.30 -14.03
CA LYS A 16 5.08 13.27 -13.82
C LYS A 16 6.29 12.94 -12.95
N THR A 17 6.26 11.84 -12.22
CA THR A 17 7.43 11.49 -11.40
C THR A 17 8.00 10.09 -11.59
N GLU A 18 7.45 9.30 -12.51
CA GLU A 18 8.01 7.95 -12.68
C GLU A 18 9.44 7.97 -13.19
N ARG A 19 9.82 9.03 -13.89
CA ARG A 19 11.18 9.17 -14.41
C ARG A 19 12.16 9.17 -13.23
N GLU A 20 11.76 9.79 -12.12
CA GLU A 20 12.59 9.85 -10.91
C GLU A 20 12.94 8.44 -10.44
N LEU A 21 11.97 7.53 -10.53
CA LEU A 21 12.19 6.16 -10.12
C LEU A 21 13.19 5.49 -11.06
N LEU A 22 12.94 5.60 -12.36
CA LEU A 22 13.81 4.99 -13.36
C LEU A 22 15.24 5.51 -13.26
N GLU A 23 15.41 6.80 -12.99
CA GLU A 23 16.76 7.37 -12.88
C GLU A 23 17.51 6.83 -11.65
N SER A 24 16.76 6.31 -10.67
CA SER A 24 17.38 5.76 -9.47
C SER A 24 17.78 4.30 -9.63
N TYR A 25 17.34 3.67 -10.72
CA TYR A 25 17.67 2.27 -10.95
C TYR A 25 18.93 2.20 -11.80
N ILE A 26 20.07 2.49 -11.17
CA ILE A 26 21.34 2.49 -11.87
C ILE A 26 22.33 1.58 -11.15
N ILE A 30 0.19 10.58 4.02
CA ILE A 30 1.51 10.80 3.38
C ILE A 30 2.02 12.20 3.72
N VAL A 31 3.22 12.26 4.27
CA VAL A 31 3.82 13.55 4.64
C VAL A 31 4.78 14.00 3.53
N GLU A 32 4.70 15.28 3.18
CA GLU A 32 5.56 15.85 2.15
C GLU A 32 5.43 15.20 0.78
N GLY A 33 4.23 14.74 0.44
CA GLY A 33 4.02 14.14 -0.86
C GLY A 33 3.30 15.14 -1.75
N SER A 34 2.57 14.64 -2.74
CA SER A 34 1.83 15.50 -3.66
C SER A 34 0.55 14.80 -4.11
N ASP A 35 -0.37 15.54 -4.70
CA ASP A 35 -1.62 14.94 -5.18
C ASP A 35 -1.29 13.98 -6.30
N ALA A 36 -1.93 12.81 -6.28
CA ALA A 36 -1.71 11.84 -7.32
C ALA A 36 -2.51 12.28 -8.55
N GLU A 37 -2.05 11.83 -9.72
CA GLU A 37 -2.73 12.15 -10.96
C GLU A 37 -3.88 11.14 -11.10
N ILE A 38 -4.88 11.49 -11.90
CA ILE A 38 -6.01 10.59 -12.11
C ILE A 38 -5.50 9.28 -12.73
N GLY A 39 -5.90 8.16 -12.14
CA GLY A 39 -5.49 6.85 -12.65
C GLY A 39 -4.02 6.50 -12.41
N MET A 40 -3.35 7.27 -11.56
CA MET A 40 -1.93 7.04 -11.29
C MET A 40 -1.63 5.75 -10.51
N SER A 41 -2.53 5.39 -9.60
CA SER A 41 -2.38 4.16 -8.80
C SER A 41 -3.72 3.45 -8.83
N PRO A 42 -4.08 2.86 -9.99
CA PRO A 42 -5.34 2.15 -10.14
C PRO A 42 -5.56 0.93 -9.25
N TRP A 43 -4.49 0.47 -8.60
CA TRP A 43 -4.57 -0.66 -7.69
C TRP A 43 -4.77 -0.18 -6.25
N GLN A 44 -4.83 1.12 -6.05
CA GLN A 44 -5.04 1.68 -4.71
C GLN A 44 -6.39 1.27 -4.17
N VAL A 45 -6.39 0.79 -2.93
CA VAL A 45 -7.63 0.37 -2.30
C VAL A 45 -7.77 1.07 -0.96
N MET A 46 -8.99 1.49 -0.65
CA MET A 46 -9.25 2.14 0.63
C MET A 46 -10.06 1.16 1.48
N LEU A 47 -9.58 0.90 2.70
CA LEU A 47 -10.30 0.03 3.61
C LEU A 47 -11.16 1.02 4.37
N PHE A 48 -12.48 0.89 4.23
CA PHE A 48 -13.41 1.81 4.86
C PHE A 48 -14.18 1.12 5.98
N ARG A 49 -14.19 1.74 7.16
CA ARG A 49 -14.92 1.19 8.30
C ARG A 49 -16.37 1.62 8.21
N LYS A 50 -17.29 0.67 8.38
CA LYS A 50 -18.72 0.96 8.33
C LYS A 50 -19.19 1.90 9.43
N SER A 51 -19.00 1.49 10.68
CA SER A 51 -19.43 2.31 11.82
C SER A 51 -18.35 2.46 12.88
N PRO A 52 -17.86 3.69 13.07
CA PRO A 52 -18.30 4.87 12.32
C PRO A 52 -17.60 4.94 10.96
N GLN A 53 -18.28 5.52 9.97
CA GLN A 53 -17.71 5.66 8.65
C GLN A 53 -16.42 6.46 8.75
N GLU A 54 -15.30 5.80 8.47
CA GLU A 54 -14.01 6.47 8.55
C GLU A 54 -12.92 5.71 7.79
N LEU A 55 -11.78 6.36 7.63
CA LEU A 55 -10.64 5.77 6.94
C LEU A 55 -10.02 4.72 7.87
N LEU A 56 -9.97 3.48 7.40
CA LEU A 56 -9.41 2.41 8.20
C LEU A 56 -7.94 2.12 7.86
N CYS A 57 -7.65 2.01 6.57
CA CYS A 57 -6.31 1.70 6.12
C CYS A 57 -6.22 1.75 4.61
N GLY A 58 -5.01 1.53 4.09
CA GLY A 58 -4.81 1.49 2.66
C GLY A 58 -4.68 0.02 2.34
N ALA A 59 -4.66 -0.29 1.05
CA ALA A 59 -4.56 -1.67 0.59
C ALA A 59 -4.31 -1.62 -0.90
N SER A 60 -4.20 -2.79 -1.53
CA SER A 60 -3.95 -2.85 -2.96
C SER A 60 -4.70 -3.99 -3.63
N LEU A 61 -5.01 -3.79 -4.91
CA LEU A 61 -5.74 -4.77 -5.69
C LEU A 61 -4.73 -5.63 -6.43
N ILE A 62 -4.70 -6.93 -6.14
CA ILE A 62 -3.74 -7.80 -6.82
C ILE A 62 -4.41 -8.76 -7.82
N SER A 63 -5.74 -8.75 -7.86
CA SER A 63 -6.50 -9.58 -8.77
C SER A 63 -7.91 -9.05 -8.75
N ASP A 64 -8.80 -9.62 -9.55
CA ASP A 64 -10.18 -9.16 -9.57
C ASP A 64 -10.93 -9.54 -8.29
N ARG A 65 -10.36 -10.44 -7.50
CA ARG A 65 -11.00 -10.86 -6.26
C ARG A 65 -10.14 -10.79 -5.00
N TRP A 66 -8.88 -10.39 -5.13
CA TRP A 66 -8.02 -10.33 -3.95
C TRP A 66 -7.43 -8.96 -3.66
N VAL A 67 -7.39 -8.62 -2.38
CA VAL A 67 -6.84 -7.36 -1.91
C VAL A 67 -5.79 -7.61 -0.84
N LEU A 68 -4.65 -6.95 -0.98
CA LEU A 68 -3.54 -7.11 -0.06
C LEU A 68 -3.43 -5.90 0.88
N THR A 69 -3.13 -6.17 2.16
CA THR A 69 -2.99 -5.09 3.12
C THR A 69 -2.05 -5.52 4.25
N ALA A 70 -1.92 -4.68 5.26
CA ALA A 70 -1.07 -4.98 6.41
C ALA A 70 -1.93 -5.68 7.46
N ALA A 71 -1.39 -6.72 8.07
CA ALA A 71 -2.11 -7.44 9.11
C ALA A 71 -2.55 -6.53 10.26
N HIS A 72 -1.71 -5.57 10.65
CA HIS A 72 -2.05 -4.68 11.76
C HIS A 72 -3.25 -3.78 11.49
N CYS A 73 -3.66 -3.70 10.23
CA CYS A 73 -4.82 -2.90 9.84
C CYS A 73 -6.09 -3.59 10.35
N LEU A 74 -6.02 -4.92 10.48
CA LEU A 74 -7.16 -5.71 10.90
C LEU A 74 -7.00 -6.25 12.32
N LEU A 75 -5.79 -6.65 12.67
CA LEU A 75 -5.53 -7.21 13.99
C LEU A 75 -4.34 -6.59 14.73
N TYR A 76 -4.62 -5.96 15.86
CA TYR A 76 -3.57 -5.37 16.67
C TYR A 76 -4.06 -5.16 18.10
N PRO A 77 -3.97 -6.21 18.92
CA PRO A 77 -4.40 -6.21 20.33
C PRO A 77 -3.98 -5.00 21.19
N PRO A 78 -2.73 -4.52 21.05
CA PRO A 78 -2.33 -3.37 21.88
C PRO A 78 -3.26 -2.17 21.76
N TRP A 79 -3.85 -1.96 20.59
CA TRP A 79 -4.77 -0.85 20.39
C TRP A 79 -6.22 -1.34 20.27
N ASP A 80 -6.48 -2.53 20.81
CA ASP A 80 -7.81 -3.14 20.75
C ASP A 80 -8.43 -3.15 19.36
N LYS A 81 -7.65 -3.54 18.37
CA LYS A 81 -8.14 -3.61 17.00
C LYS A 81 -8.30 -5.07 16.61
N ASN A 82 -9.50 -5.43 16.19
CA ASN A 82 -9.81 -6.80 15.78
C ASN A 82 -11.03 -6.76 14.88
N PHE A 83 -10.83 -6.29 13.66
CA PHE A 83 -11.89 -6.18 12.68
C PHE A 83 -12.20 -7.50 12.00
N THR A 84 -13.48 -7.74 11.74
CA THR A 84 -13.91 -8.95 11.05
C THR A 84 -14.46 -8.53 9.68
N GLU A 85 -14.80 -9.52 8.86
CA GLU A 85 -15.32 -9.25 7.52
C GLU A 85 -16.39 -8.17 7.42
N ASN A 86 -17.47 -8.32 8.18
CA ASN A 86 -18.57 -7.36 8.12
C ASN A 86 -18.36 -5.98 8.73
N ASP A 87 -17.19 -5.75 9.33
CA ASP A 87 -16.89 -4.45 9.91
C ASP A 87 -16.36 -3.48 8.85
N LEU A 88 -15.86 -4.00 7.75
CA LEU A 88 -15.28 -3.17 6.71
C LEU A 88 -15.83 -3.32 5.30
N LEU A 89 -15.44 -2.36 4.46
CA LEU A 89 -15.81 -2.32 3.05
C LEU A 89 -14.56 -1.94 2.29
N VAL A 90 -14.48 -2.37 1.03
CA VAL A 90 -13.34 -2.05 0.20
C VAL A 90 -13.78 -1.09 -0.90
N ARG A 91 -13.11 0.05 -0.99
CA ARG A 91 -13.43 1.05 -2.00
C ARG A 91 -12.27 1.14 -2.99
N ILE A 92 -12.54 0.72 -4.22
CA ILE A 92 -11.54 0.67 -5.30
C ILE A 92 -11.79 1.73 -6.37
N GLY A 93 -10.70 2.24 -6.94
CA GLY A 93 -10.80 3.25 -7.98
C GLY A 93 -10.98 4.67 -7.49
N LYS A 94 -10.68 4.91 -6.21
CA LYS A 94 -10.85 6.23 -5.63
C LYS A 94 -9.70 7.19 -5.83
N HIS A 95 -10.03 8.47 -5.70
CA HIS A 95 -9.08 9.57 -5.81
C HIS A 95 -9.37 10.50 -4.63
N SER A 96 -10.59 11.01 -4.55
CA SER A 96 -10.96 11.88 -3.43
C SER A 96 -11.01 11.00 -2.18
N ARG A 97 -10.62 11.58 -1.05
CA ARG A 97 -10.63 10.83 0.21
C ARG A 97 -12.01 10.62 0.81
N THR A 98 -12.72 11.72 1.05
CA THR A 98 -14.03 11.68 1.69
C THR A 98 -15.29 11.58 0.84
N ARG A 99 -15.21 11.92 -0.44
CA ARG A 99 -16.42 11.89 -1.25
C ARG A 99 -16.74 10.58 -1.94
N TYR A 100 -18.02 10.34 -2.21
CA TYR A 100 -18.45 9.13 -2.90
C TYR A 100 -18.31 9.44 -4.38
N GLU A 101 -17.32 8.83 -5.02
CA GLU A 101 -17.08 9.08 -6.43
C GLU A 101 -17.93 8.22 -7.34
N ARG A 102 -19.18 8.66 -7.47
CA ARG A 102 -20.19 8.02 -8.28
C ARG A 102 -19.69 7.77 -9.69
N ASN A 103 -19.98 6.58 -10.21
CA ASN A 103 -19.59 6.20 -11.56
C ASN A 103 -18.09 5.96 -11.75
N ILE A 104 -17.32 5.99 -10.66
CA ILE A 104 -15.88 5.80 -10.76
C ILE A 104 -15.39 4.75 -9.79
N GLU A 105 -15.64 4.95 -8.50
CA GLU A 105 -15.21 3.99 -7.50
C GLU A 105 -16.18 2.82 -7.42
N LYS A 106 -15.69 1.69 -6.92
CA LYS A 106 -16.51 0.51 -6.75
C LYS A 106 -16.31 0.01 -5.34
N ILE A 107 -17.42 -0.15 -4.62
CA ILE A 107 -17.37 -0.61 -3.24
C ILE A 107 -17.70 -2.11 -3.22
N SER A 108 -16.84 -2.89 -2.57
CA SER A 108 -17.03 -4.33 -2.49
C SER A 108 -17.05 -4.79 -1.04
N MET A 109 -17.78 -5.86 -0.77
CA MET A 109 -17.85 -6.39 0.59
C MET A 109 -16.84 -7.52 0.70
N LEU A 110 -16.39 -7.79 1.92
CA LEU A 110 -15.40 -8.84 2.14
C LEU A 110 -16.02 -10.19 2.44
N GLU A 111 -15.48 -11.22 1.80
CA GLU A 111 -15.93 -12.59 2.01
C GLU A 111 -15.13 -13.21 3.15
N LYS A 112 -13.80 -13.10 3.07
CA LYS A 112 -12.95 -13.66 4.11
C LYS A 112 -11.62 -12.92 4.22
N ILE A 113 -11.11 -12.85 5.44
CA ILE A 113 -9.84 -12.21 5.74
C ILE A 113 -8.85 -13.31 6.11
N TYR A 114 -7.61 -13.17 5.66
CA TYR A 114 -6.57 -14.14 5.96
C TYR A 114 -5.34 -13.40 6.46
N ILE A 115 -5.01 -13.60 7.72
CA ILE A 115 -3.86 -12.95 8.33
C ILE A 115 -2.73 -13.98 8.41
N HIS A 116 -1.50 -13.56 8.11
CA HIS A 116 -0.36 -14.48 8.16
C HIS A 116 -0.35 -15.12 9.55
N PRO A 117 -0.26 -16.45 9.60
CA PRO A 117 -0.24 -17.20 10.87
C PRO A 117 0.89 -16.83 11.82
N ARG A 118 2.02 -16.37 11.27
CA ARG A 118 3.14 -16.00 12.09
C ARG A 118 3.33 -14.49 12.20
N TYR A 119 2.27 -13.73 11.93
CA TYR A 119 2.30 -12.28 12.06
C TYR A 119 2.61 -11.99 13.53
N ASN A 120 3.64 -11.18 13.77
CA ASN A 120 4.07 -10.86 15.13
C ASN A 120 3.62 -9.48 15.59
N TRP A 121 2.42 -9.40 16.16
CA TRP A 121 1.89 -8.13 16.64
C TRP A 121 2.40 -7.80 18.05
N ARG A 122 2.91 -8.82 18.73
CA ARG A 122 3.40 -8.64 20.10
C ARG A 122 4.68 -7.83 20.19
N GLU A 123 5.57 -7.99 19.23
CA GLU A 123 6.84 -7.31 19.31
C GLU A 123 7.19 -6.25 18.28
N ASN A 124 7.36 -6.67 17.04
CA ASN A 124 7.79 -5.76 15.97
C ASN A 124 7.03 -5.79 14.66
N LEU A 125 5.80 -6.29 14.67
CA LEU A 125 5.00 -6.37 13.44
C LEU A 125 5.69 -7.18 12.34
N ASP A 126 6.46 -8.18 12.73
CA ASP A 126 7.13 -9.03 11.75
C ASP A 126 6.02 -9.74 10.96
N ARG A 127 6.21 -9.85 9.65
CA ARG A 127 5.23 -10.50 8.77
C ARG A 127 3.88 -9.78 8.82
N ASP A 128 3.91 -8.46 8.65
CA ASP A 128 2.73 -7.62 8.70
C ASP A 128 2.02 -7.67 7.36
N ILE A 129 1.29 -8.75 7.13
CA ILE A 129 0.61 -8.94 5.85
C ILE A 129 -0.71 -9.68 6.01
N ALA A 130 -1.66 -9.34 5.15
CA ALA A 130 -2.98 -9.98 5.18
C ALA A 130 -3.64 -9.91 3.82
N LEU A 131 -4.47 -10.90 3.53
CA LEU A 131 -5.20 -10.97 2.27
C LEU A 131 -6.70 -10.86 2.57
N MET A 132 -7.42 -10.28 1.62
CA MET A 132 -8.87 -10.14 1.77
C MET A 132 -9.49 -10.59 0.46
N LYS A 133 -10.38 -11.57 0.53
CA LYS A 133 -11.05 -12.07 -0.65
C LYS A 133 -12.38 -11.35 -0.74
N LEU A 134 -12.68 -10.78 -1.90
CA LEU A 134 -13.92 -10.05 -2.10
C LEU A 134 -15.07 -11.01 -2.42
N LYS A 135 -16.28 -10.64 -2.04
CA LYS A 135 -17.45 -11.49 -2.29
C LYS A 135 -17.60 -11.73 -3.79
N LYS A 136 -17.50 -10.67 -4.58
CA LYS A 136 -17.62 -10.78 -6.03
C LYS A 136 -16.55 -9.99 -6.75
N PRO A 137 -16.13 -10.49 -7.93
CA PRO A 137 -15.10 -9.86 -8.75
C PRO A 137 -15.39 -8.39 -9.01
N VAL A 138 -14.34 -7.58 -9.05
CA VAL A 138 -14.47 -6.16 -9.32
C VAL A 138 -14.15 -5.98 -10.80
N ALA A 139 -14.96 -5.18 -11.49
CA ALA A 139 -14.72 -4.95 -12.90
C ALA A 139 -13.60 -3.93 -13.05
N PHE A 140 -12.62 -4.25 -13.91
CA PHE A 140 -11.52 -3.33 -14.12
C PHE A 140 -12.00 -2.17 -14.98
N SER A 141 -11.28 -1.06 -14.89
CA SER A 141 -11.63 0.14 -15.64
C SER A 141 -10.39 1.02 -15.72
N ASP A 142 -10.56 2.23 -16.22
CA ASP A 142 -9.45 3.17 -16.31
C ASP A 142 -8.87 3.50 -14.94
N TYR A 143 -9.72 3.40 -13.91
CA TYR A 143 -9.31 3.74 -12.55
C TYR A 143 -9.12 2.53 -11.63
N ILE A 144 -9.40 1.34 -12.13
CA ILE A 144 -9.30 0.12 -11.35
C ILE A 144 -8.49 -0.93 -12.12
N HIS A 145 -7.32 -1.27 -11.60
CA HIS A 145 -6.47 -2.23 -12.27
C HIS A 145 -5.48 -2.82 -11.27
N PRO A 146 -5.23 -4.13 -11.36
CA PRO A 146 -4.31 -4.80 -10.44
C PRO A 146 -2.83 -4.53 -10.66
N VAL A 147 -2.09 -4.52 -9.55
CA VAL A 147 -0.65 -4.32 -9.58
C VAL A 147 -0.04 -5.73 -9.61
N CYS A 148 1.21 -5.86 -10.05
CA CYS A 148 1.86 -7.16 -10.11
C CYS A 148 2.58 -7.46 -8.81
N LEU A 149 2.77 -8.75 -8.53
CA LEU A 149 3.52 -9.19 -7.37
C LEU A 149 4.87 -9.61 -7.92
N PRO A 150 5.96 -9.26 -7.21
CA PRO A 150 7.32 -9.59 -7.62
C PRO A 150 7.71 -11.06 -7.55
N ASP A 151 8.55 -11.45 -8.49
CA ASP A 151 9.08 -12.81 -8.54
C ASP A 151 10.47 -12.66 -7.95
N ARG A 152 11.19 -13.76 -7.74
CA ARG A 152 12.52 -13.69 -7.15
C ARG A 152 13.49 -12.76 -7.87
N GLU A 153 13.50 -12.82 -9.20
CA GLU A 153 14.38 -11.99 -10.02
C GLU A 153 14.07 -10.51 -9.85
N THR A 154 12.79 -10.16 -9.95
CA THR A 154 12.35 -8.78 -9.81
C THR A 154 12.80 -8.19 -8.47
N ALA A 155 12.58 -8.94 -7.39
CA ALA A 155 12.98 -8.50 -6.06
C ALA A 155 14.49 -8.29 -5.98
N ALA A 156 15.26 -9.26 -6.46
CA ALA A 156 16.71 -9.14 -6.41
C ALA A 156 17.26 -7.93 -7.15
N SER A 157 16.72 -7.64 -8.34
CA SER A 157 17.21 -6.51 -9.11
C SER A 157 16.68 -5.14 -8.71
N LEU A 158 15.48 -5.09 -8.13
CA LEU A 158 14.91 -3.80 -7.74
C LEU A 158 15.06 -3.42 -6.28
N LEU A 159 15.06 -4.40 -5.38
CA LEU A 159 15.17 -4.08 -3.96
C LEU A 159 16.63 -3.84 -3.54
N GLN A 160 17.15 -2.67 -3.94
CA GLN A 160 18.51 -2.27 -3.65
C GLN A 160 18.52 -0.87 -3.04
N ALA A 161 19.44 -0.64 -2.10
CA ALA A 161 19.55 0.67 -1.46
C ALA A 161 19.73 1.72 -2.55
N GLY A 162 19.07 2.87 -2.40
CA GLY A 162 19.17 3.92 -3.40
C GLY A 162 18.05 3.87 -4.41
N TYR A 163 17.60 2.65 -4.77
CA TYR A 163 16.52 2.50 -5.72
C TYR A 163 15.23 3.02 -5.07
N LYS A 164 14.51 3.86 -5.82
CA LYS A 164 13.29 4.46 -5.31
C LYS A 164 11.99 3.72 -5.62
N GLY A 165 11.08 3.78 -4.66
CA GLY A 165 9.77 3.18 -4.81
C GLY A 165 8.75 4.27 -4.62
N ARG A 166 7.46 3.93 -4.72
CA ARG A 166 6.41 4.92 -4.58
C ARG A 166 5.40 4.45 -3.56
N VAL A 167 5.05 5.34 -2.63
CA VAL A 167 4.07 5.02 -1.60
C VAL A 167 2.89 5.95 -1.78
N THR A 168 1.68 5.39 -1.66
CA THR A 168 0.47 6.19 -1.83
C THR A 168 -0.52 5.94 -0.69
N GLY A 169 -1.35 6.93 -0.40
CA GLY A 169 -2.33 6.77 0.66
C GLY A 169 -3.12 8.03 0.96
N TRP A 170 -4.15 7.89 1.78
CA TRP A 170 -5.01 9.01 2.16
C TRP A 170 -4.74 9.37 3.64
N GLY A 171 -3.62 8.89 4.16
CA GLY A 171 -3.26 9.14 5.55
C GLY A 171 -2.92 10.58 5.86
N ASN A 172 -2.63 10.86 7.12
CA ASN A 172 -2.31 12.22 7.55
C ASN A 172 -1.14 12.86 6.82
N LEU A 173 -1.23 14.18 6.67
CA LEU A 173 -0.20 14.96 6.00
C LEU A 173 0.92 15.36 6.97
N LYS A 174 0.66 15.24 8.26
CA LYS A 174 1.65 15.59 9.28
C LYS A 174 1.56 14.63 10.47
N GLU A 175 2.65 14.50 11.20
CA GLU A 175 2.65 13.63 12.37
C GLU A 175 1.69 14.17 13.41
N GLY A 184 -4.33 18.96 7.78
CA GLY A 184 -4.31 17.67 8.54
C GLY A 184 -4.52 16.46 7.64
N GLN A 185 -5.69 16.38 7.02
CA GLN A 185 -6.01 15.27 6.13
C GLN A 185 -6.04 15.78 4.69
N PRO A 186 -5.57 14.96 3.74
CA PRO A 186 -5.56 15.36 2.33
C PRO A 186 -6.92 15.29 1.65
N SER A 187 -7.10 16.10 0.61
CA SER A 187 -8.35 16.11 -0.14
C SER A 187 -8.37 14.92 -1.09
N VAL A 188 -7.23 14.63 -1.71
CA VAL A 188 -7.13 13.52 -2.64
C VAL A 188 -5.93 12.61 -2.33
N LEU A 189 -5.90 11.47 -3.00
CA LEU A 189 -4.81 10.51 -2.82
C LEU A 189 -3.45 11.19 -2.91
N GLN A 190 -2.57 10.88 -1.96
CA GLN A 190 -1.24 11.45 -1.93
C GLN A 190 -0.21 10.43 -2.42
N VAL A 191 0.87 10.94 -3.01
CA VAL A 191 1.94 10.11 -3.54
C VAL A 191 3.31 10.67 -3.20
N VAL A 192 4.26 9.78 -2.93
CA VAL A 192 5.62 10.20 -2.62
C VAL A 192 6.58 9.09 -3.04
N ASN A 193 7.69 9.48 -3.67
CA ASN A 193 8.71 8.53 -4.09
C ASN A 193 9.80 8.57 -3.04
N LEU A 194 10.26 7.40 -2.60
CA LEU A 194 11.27 7.30 -1.55
C LEU A 194 12.29 6.22 -1.86
N PRO A 195 13.57 6.48 -1.54
CA PRO A 195 14.63 5.50 -1.79
C PRO A 195 14.72 4.43 -0.71
N ILE A 196 15.04 3.21 -1.13
CA ILE A 196 15.22 2.10 -0.22
C ILE A 196 16.52 2.41 0.51
N VAL A 197 16.56 2.09 1.80
CA VAL A 197 17.74 2.37 2.62
C VAL A 197 18.51 1.11 2.98
N GLU A 198 19.83 1.23 3.12
CA GLU A 198 20.70 0.11 3.47
C GLU A 198 20.27 -0.49 4.80
N ARG A 199 20.28 -1.83 4.88
CA ARG A 199 19.88 -2.51 6.11
C ARG A 199 20.56 -1.97 7.38
N PRO A 200 21.89 -1.78 7.36
CA PRO A 200 22.57 -1.26 8.56
C PRO A 200 22.00 0.07 9.04
N VAL A 201 21.71 0.98 8.10
CA VAL A 201 21.17 2.27 8.45
C VAL A 201 19.78 2.08 9.06
N CYS A 202 18.96 1.22 8.46
CA CYS A 202 17.63 0.96 9.00
C CYS A 202 17.73 0.48 10.44
N LYS A 203 18.59 -0.50 10.68
CA LYS A 203 18.78 -1.05 12.03
C LYS A 203 19.24 -0.02 13.04
N ASP A 204 20.22 0.79 12.65
CA ASP A 204 20.78 1.80 13.53
C ASP A 204 19.88 3.00 13.80
N SER A 205 18.74 3.06 13.11
CA SER A 205 17.83 4.19 13.30
C SER A 205 16.77 3.93 14.35
N THR A 206 16.69 2.71 14.86
CA THR A 206 15.64 2.38 15.82
C THR A 206 16.06 1.34 16.85
N ARG A 207 15.27 1.22 17.91
CA ARG A 207 15.51 0.22 18.96
C ARG A 207 14.74 -1.07 18.61
N ILE A 208 13.73 -0.93 17.74
CA ILE A 208 12.90 -2.07 17.33
C ILE A 208 13.74 -3.09 16.56
N ARG A 209 13.53 -4.37 16.85
CA ARG A 209 14.24 -5.45 16.17
C ARG A 209 13.74 -5.62 14.74
N ILE A 210 14.61 -5.40 13.78
CA ILE A 210 14.26 -5.53 12.37
C ILE A 210 14.47 -6.97 11.89
N THR A 211 13.65 -7.41 10.95
CA THR A 211 13.76 -8.78 10.42
C THR A 211 13.92 -8.77 8.91
N ASP A 212 14.19 -9.93 8.33
CA ASP A 212 14.34 -10.04 6.89
C ASP A 212 13.01 -9.91 6.15
N ASN A 213 11.91 -9.82 6.89
CA ASN A 213 10.61 -9.67 6.27
C ASN A 213 10.20 -8.20 6.17
N MET A 214 11.17 -7.32 6.33
CA MET A 214 10.92 -5.89 6.23
C MET A 214 12.13 -5.19 5.63
N PHE A 215 11.90 -4.01 5.09
CA PHE A 215 12.95 -3.17 4.54
C PHE A 215 12.49 -1.76 4.87
N CYS A 216 13.40 -0.80 4.93
CA CYS A 216 12.96 0.55 5.23
C CYS A 216 13.30 1.49 4.08
N ALA A 217 12.61 2.64 4.04
CA ALA A 217 12.83 3.60 2.97
C ALA A 217 12.60 5.02 3.48
N GLY A 218 13.18 5.97 2.76
CA GLY A 218 13.04 7.36 3.14
C GLY A 218 14.39 8.02 2.95
N TYR A 219 14.38 9.35 2.92
CA TYR A 219 15.62 10.09 2.74
C TYR A 219 16.38 10.27 4.05
N LYS A 220 17.70 10.41 3.93
CA LYS A 220 18.57 10.63 5.08
C LYS A 220 18.54 12.13 5.34
N PRO A 221 18.91 12.56 6.55
CA PRO A 221 18.89 14.00 6.83
C PRO A 221 19.75 14.83 5.87
N ASP A 222 20.93 14.33 5.52
CA ASP A 222 21.83 15.05 4.61
C ASP A 222 21.41 15.04 3.15
N GLU A 223 20.37 14.29 2.80
CA GLU A 223 19.90 14.23 1.42
C GLU A 223 18.93 15.37 1.07
N GLY A 224 18.51 16.13 2.09
CA GLY A 224 17.62 17.25 1.86
C GLY A 224 16.15 16.93 1.71
N LYS A 225 15.79 16.23 0.64
CA LYS A 225 14.40 15.87 0.37
C LYS A 225 13.81 15.03 1.49
N ARG A 226 12.48 14.98 1.54
CA ARG A 226 11.85 14.18 2.57
C ARG A 226 10.57 13.53 2.10
N GLY A 227 9.85 12.92 3.04
CA GLY A 227 8.62 12.25 2.70
C GLY A 227 8.51 10.99 3.53
N ASP A 228 7.28 10.56 3.79
CA ASP A 228 7.07 9.36 4.60
C ASP A 228 5.58 9.08 4.62
N ALA A 229 5.21 7.90 5.10
CA ALA A 229 3.80 7.55 5.22
C ALA A 229 3.46 8.04 6.63
N CYS A 230 2.18 8.00 6.99
CA CYS A 230 1.75 8.42 8.30
C CYS A 230 0.39 7.79 8.58
N GLU A 231 -0.12 7.95 9.80
CA GLU A 231 -1.41 7.36 10.19
C GLU A 231 -2.46 7.37 9.08
N GLY A 232 -2.98 6.19 8.74
CA GLY A 232 -3.97 6.08 7.70
C GLY A 232 -3.41 5.44 6.43
N ASP A 233 -2.10 5.52 6.26
CA ASP A 233 -1.41 4.95 5.09
C ASP A 233 -1.10 3.48 5.26
N SER A 234 -1.19 2.99 6.50
CA SER A 234 -0.93 1.58 6.79
C SER A 234 -1.63 0.68 5.79
N GLY A 235 -0.95 -0.40 5.39
CA GLY A 235 -1.54 -1.34 4.45
C GLY A 235 -1.43 -0.96 2.99
N GLY A 236 -1.10 0.29 2.72
CA GLY A 236 -0.95 0.76 1.35
C GLY A 236 0.27 0.16 0.69
N PRO A 237 0.39 0.29 -0.63
CA PRO A 237 1.51 -0.25 -1.40
C PRO A 237 2.74 0.62 -1.59
N PHE A 238 3.89 -0.05 -1.64
CA PHE A 238 5.18 0.59 -1.93
C PHE A 238 5.47 -0.08 -3.27
N VAL A 239 5.36 0.67 -4.36
CA VAL A 239 5.57 0.08 -5.68
C VAL A 239 6.79 0.58 -6.42
N MET A 240 7.24 -0.22 -7.39
CA MET A 240 8.39 0.13 -8.20
C MET A 240 8.05 -0.25 -9.64
N LYS A 241 8.53 0.55 -10.59
CA LYS A 241 8.25 0.25 -11.98
C LYS A 241 9.47 -0.43 -12.59
N SER A 242 9.29 -1.69 -12.95
CA SER A 242 10.39 -2.45 -13.52
C SER A 242 10.89 -1.83 -14.81
N PRO A 243 12.19 -1.58 -14.89
CA PRO A 243 12.77 -0.99 -16.10
C PRO A 243 12.95 -2.07 -17.20
N PHE A 244 12.67 -3.31 -16.85
CA PHE A 244 12.81 -4.43 -17.77
C PHE A 244 11.56 -4.66 -18.61
N ASN A 245 10.39 -4.69 -17.98
CA ASN A 245 9.14 -4.91 -18.70
C ASN A 245 8.11 -3.79 -18.52
N ASN A 246 8.55 -2.68 -17.93
CA ASN A 246 7.71 -1.51 -17.69
C ASN A 246 6.39 -1.76 -16.96
N ARG A 247 6.38 -2.72 -16.05
CA ARG A 247 5.19 -3.02 -15.25
C ARG A 247 5.45 -2.62 -13.80
N TRP A 248 4.39 -2.20 -13.12
CA TRP A 248 4.52 -1.84 -11.72
C TRP A 248 4.38 -3.07 -10.84
N TYR A 249 5.28 -3.18 -9.86
CA TYR A 249 5.29 -4.29 -8.92
C TYR A 249 5.19 -3.79 -7.50
N GLN A 250 4.39 -4.46 -6.67
CA GLN A 250 4.28 -4.05 -5.29
C GLN A 250 5.35 -4.79 -4.51
N MET A 251 6.37 -4.05 -4.10
CA MET A 251 7.49 -4.63 -3.36
C MET A 251 7.28 -4.57 -1.85
N GLY A 252 6.48 -3.63 -1.38
CA GLY A 252 6.27 -3.52 0.05
C GLY A 252 4.87 -3.10 0.45
N ILE A 253 4.62 -3.17 1.75
CA ILE A 253 3.34 -2.77 2.31
C ILE A 253 3.65 -1.82 3.45
N VAL A 254 3.04 -0.64 3.44
CA VAL A 254 3.26 0.32 4.51
C VAL A 254 3.01 -0.38 5.84
N SER A 255 4.06 -0.51 6.66
CA SER A 255 3.92 -1.19 7.93
C SER A 255 4.07 -0.32 9.16
N TRP A 256 5.30 0.03 9.52
CA TRP A 256 5.49 0.84 10.72
C TRP A 256 6.57 1.89 10.71
N GLY A 257 6.53 2.75 11.72
CA GLY A 257 7.49 3.82 11.87
C GLY A 257 7.31 4.49 13.22
N GLU A 258 8.26 5.34 13.58
CA GLU A 258 8.22 6.06 14.84
C GLU A 258 8.04 7.54 14.45
N GLY A 259 6.81 8.02 14.59
CA GLY A 259 6.49 9.37 14.20
C GLY A 259 6.34 9.35 12.69
N CYS A 260 6.28 10.51 12.07
CA CYS A 260 6.14 10.62 10.62
C CYS A 260 7.09 11.65 10.07
N ASP A 261 7.89 11.24 9.10
CA ASP A 261 8.85 12.11 8.46
C ASP A 261 9.84 12.79 9.43
N ARG A 262 10.33 12.05 10.41
CA ARG A 262 11.30 12.62 11.34
C ARG A 262 12.70 12.41 10.79
N ASP A 263 13.60 13.38 11.01
CA ASP A 263 14.97 13.24 10.54
C ASP A 263 15.62 12.06 11.24
N GLY A 264 16.36 11.25 10.49
CA GLY A 264 17.01 10.10 11.10
C GLY A 264 16.13 8.87 11.26
N LYS A 265 14.85 9.01 10.95
CA LYS A 265 13.92 7.89 11.06
C LYS A 265 13.49 7.45 9.67
N TYR A 266 13.02 6.21 9.55
CA TYR A 266 12.61 5.70 8.26
C TYR A 266 11.37 4.86 8.37
N GLY A 267 10.58 4.81 7.30
CA GLY A 267 9.38 4.00 7.32
C GLY A 267 9.78 2.56 7.03
N PHE A 268 9.08 1.62 7.66
CA PHE A 268 9.36 0.21 7.43
C PHE A 268 8.23 -0.44 6.69
N TYR A 269 8.59 -1.25 5.71
CA TYR A 269 7.62 -1.90 4.85
C TYR A 269 7.73 -3.42 4.85
N THR A 270 6.58 -4.09 4.77
CA THR A 270 6.56 -5.53 4.71
C THR A 270 7.18 -5.94 3.38
N HIS A 271 8.13 -6.85 3.42
CA HIS A 271 8.83 -7.35 2.23
C HIS A 271 7.91 -8.34 1.51
N VAL A 272 7.17 -7.85 0.52
CA VAL A 272 6.22 -8.68 -0.20
C VAL A 272 6.77 -9.99 -0.78
N PHE A 273 7.90 -9.94 -1.48
CA PHE A 273 8.44 -11.16 -2.05
C PHE A 273 8.76 -12.26 -1.03
N ARG A 274 9.29 -11.87 0.12
CA ARG A 274 9.63 -12.82 1.18
C ARG A 274 8.42 -13.60 1.67
N LEU A 275 7.23 -13.00 1.55
CA LEU A 275 6.02 -13.66 2.00
C LEU A 275 5.12 -14.11 0.84
N LYS A 276 5.66 -14.12 -0.37
CA LYS A 276 4.87 -14.52 -1.52
C LYS A 276 4.47 -16.01 -1.44
N LYS A 277 5.32 -16.83 -0.82
CA LYS A 277 5.01 -18.24 -0.68
C LYS A 277 3.66 -18.39 0.03
N TRP A 278 3.49 -17.63 1.12
CA TRP A 278 2.26 -17.65 1.88
C TRP A 278 1.09 -17.13 1.04
N ILE A 279 1.33 -16.05 0.31
CA ILE A 279 0.31 -15.46 -0.54
C ILE A 279 -0.21 -16.47 -1.56
N GLN A 280 0.72 -17.15 -2.25
CA GLN A 280 0.37 -18.16 -3.25
C GLN A 280 -0.45 -19.27 -2.61
N LYS A 281 0.00 -19.73 -1.45
CA LYS A 281 -0.67 -20.79 -0.72
C LYS A 281 -2.13 -20.44 -0.46
N VAL A 282 -2.37 -19.23 0.06
CA VAL A 282 -3.73 -18.79 0.35
C VAL A 282 -4.59 -18.65 -0.89
N ILE A 283 -4.03 -18.05 -1.93
CA ILE A 283 -4.76 -17.84 -3.17
C ILE A 283 -5.19 -19.13 -3.88
N ASP A 284 -4.26 -20.03 -4.14
CA ASP A 284 -4.62 -21.26 -4.82
C ASP A 284 -5.39 -22.26 -3.97
N GLN A 285 -5.47 -22.02 -2.66
CA GLN A 285 -6.19 -22.91 -1.77
C GLN A 285 -7.63 -22.43 -1.50
N PHE A 286 -7.80 -21.13 -1.37
CA PHE A 286 -9.14 -20.58 -1.10
C PHE A 286 -9.80 -19.88 -2.29
N GLY A 287 -9.05 -19.07 -3.02
CA GLY A 287 -9.62 -18.39 -4.16
C GLY A 287 -9.43 -19.13 -5.46
N ASP B 1 -16.10 13.11 8.50
CA ASP B 1 -16.49 14.02 7.38
C ASP B 1 -16.53 13.27 6.06
N PHE B 2 -17.08 12.06 6.08
CA PHE B 2 -17.18 11.24 4.87
C PHE B 2 -18.58 11.29 4.29
N GLU B 3 -18.65 11.47 2.98
CA GLU B 3 -19.92 11.54 2.27
C GLU B 3 -20.62 10.19 2.35
N GLU B 4 -21.91 10.21 2.65
CA GLU B 4 -22.69 8.99 2.76
C GLU B 4 -22.61 8.18 1.47
N ILE B 5 -22.42 6.88 1.61
CA ILE B 5 -22.34 5.99 0.47
C ILE B 5 -23.68 5.29 0.33
N PRO B 6 -24.01 4.82 -0.88
CA PRO B 6 -25.28 4.12 -1.13
C PRO B 6 -25.59 3.07 -0.07
N GLU B 7 -26.88 2.92 0.24
CA GLU B 7 -27.30 1.94 1.24
C GLU B 7 -27.10 0.50 0.75
N GLU B 8 -27.12 0.32 -0.56
CA GLU B 8 -26.94 -1.00 -1.15
C GLU B 8 -25.67 -1.69 -0.68
N TYS B 9 -24.61 -0.91 -0.45
CA TYS B 9 -23.34 -1.44 0.02
CB TYS B 9 -22.20 -0.47 -0.35
CG TYS B 9 -22.15 -0.18 -1.84
CD1 TYS B 9 -21.93 -1.19 -2.75
CD2 TYS B 9 -22.32 1.12 -2.27
CE1 TYS B 9 -21.89 -0.90 -4.11
CE2 TYS B 9 -22.28 1.42 -3.62
CZ TYS B 9 -22.07 0.41 -4.54
OH TYS B 9 -22.04 0.67 -5.76
S TYS B 9 -20.76 1.05 -6.37
O1 TYS B 9 -19.97 -0.13 -6.49
O2 TYS B 9 -20.08 2.01 -5.55
O3 TYS B 9 -21.02 1.62 -7.66
C TYS B 9 -23.33 -1.66 1.53
O TYS B 9 -22.76 -2.65 2.02
N LEU B 10 -23.95 -0.75 2.27
CA LEU B 10 -24.02 -0.83 3.72
C LEU B 10 -24.80 -2.06 4.21
N ALA B 11 -25.95 -2.30 3.60
CA ALA B 11 -26.79 -3.44 3.98
C ALA B 11 -26.05 -4.76 3.80
C8 L17 C . 6.99 -0.95 15.70
C2 L17 C . 6.83 -0.20 16.92
N1 L17 C . 6.18 -0.80 18.02
C4 L17 C . 5.64 -2.08 18.03
C5 L17 C . 5.78 -2.86 16.83
C6 L17 C . 6.47 -2.28 15.69
C11 L17 C . 7.23 1.28 16.99
C1 L17 C . 6.06 2.23 16.96
N18 L17 C . 5.25 2.19 15.70
C21 L17 C . 4.04 1.48 15.56
N2 L17 C . 3.48 1.55 14.31
C10 L17 C . 2.37 0.85 14.01
C24 L17 C . 1.78 0.03 15.01
C25 L17 C . 2.31 -0.07 16.32
C3 L17 C . 3.48 0.68 16.62
O28 L17 C . 4.10 2.38 13.38
CL2 L17 C . 0.37 -0.86 14.64
C33 L17 C . 1.79 0.96 12.62
C34 L17 C . 1.69 2.43 12.18
N37 L17 C . 2.06 2.65 10.92
O38 L17 C . 1.26 3.28 12.94
C39 L17 C . 2.12 4.04 10.45
C40 L17 C . 3.39 4.39 9.79
C43 L17 C . 4.00 3.51 8.82
C44 L17 C . 5.20 3.98 8.17
C45 L17 C . 5.78 5.28 8.47
C50 L17 C . 3.96 5.70 10.05
C9 L17 C . 5.16 6.17 9.41
F1 L17 C . 7.81 1.53 18.19
F2 L17 C . 8.06 1.65 15.99
CL1 L17 C . 5.95 2.98 6.97
O1 L17 C . 6.01 -0.05 19.14
C7 L17 C . 0.99 4.32 9.45
#